data_8XBI
#
_entry.id   8XBI
#
_cell.length_a   1.00
_cell.length_b   1.00
_cell.length_c   1.00
_cell.angle_alpha   90.00
_cell.angle_beta   90.00
_cell.angle_gamma   90.00
#
_symmetry.space_group_name_H-M   'P 1'
#
loop_
_entity.id
_entity.type
_entity.pdbx_description
1 polymer 'Probable G-protein coupled receptor 34'
2 non-polymer '(2~{S})-2-azanyl-3-[[(2~{R})-1-ethoxy-3-[3-[2-[(3-phenoxyphenyl)methoxy]phenyl]propanoyloxy]propan-2-yl]oxy-oxidanyl-phosphoryl]oxy-propanoic acid'
#
_entity_poly.entity_id   1
_entity_poly.type   'polypeptide(L)'
_entity_poly.pdbx_seq_one_letter_code
;DYKDDDDAMGRSHTITMTTTSVSSWPYSSHRMRFITNHSDQPPQNFSATPNVTTCPMDEKLLSTVLTTSYSVIFIVGLVG
NIIALYVFLGIHRKRNSIQIYLLNVAIADLLLIFCLPFRIMYHINQNKWTLGVILCKVVGTLFYMNMYISIILLGFISLD
RYIKINRSIQQRKAITTKQSIYVCCIVWMLALGGFLTMIILTLKKGGHNSTMCFHYRDKHNAKGEAIFNFILVVMFWLIF
LLIILSYIKIGKNLLRISKRRSKFPNSGKYATTARNSFIVLIIFTICFVPYHAFRFIYISSQLNVSSCYWKEIVHKTNEI
MLVLSSFNSCLDPVMYFLMSSNIRKIMCQLLFRRFQGEPSRSESTSEFKPGYSLHDTSVAVKIQSSSKSTENLYFQ
;
_entity_poly.pdbx_strand_id   R
#
# COMPACT_ATOMS: atom_id res chain seq x y z
N THR A 54 19.80 -14.17 -19.34
CA THR A 54 19.24 -14.54 -18.00
C THR A 54 20.33 -15.19 -17.15
N CYS A 55 21.19 -14.37 -16.56
CA CYS A 55 22.31 -14.86 -15.73
C CYS A 55 21.76 -15.45 -14.44
N PRO A 56 22.00 -16.76 -14.16
CA PRO A 56 21.58 -17.38 -12.90
C PRO A 56 22.55 -17.08 -11.76
N MET A 57 22.47 -15.86 -11.24
CA MET A 57 23.41 -15.39 -10.21
C MET A 57 22.94 -15.86 -8.82
N ASP A 58 23.89 -15.98 -7.90
CA ASP A 58 23.62 -16.30 -6.48
C ASP A 58 22.59 -15.33 -5.91
N GLU A 59 21.58 -15.87 -5.23
CA GLU A 59 20.58 -15.06 -4.49
C GLU A 59 20.24 -15.70 -3.15
N LYS A 60 21.08 -16.57 -2.61
CA LYS A 60 20.75 -17.27 -1.35
C LYS A 60 20.63 -16.26 -0.20
N LEU A 61 21.58 -15.35 -0.07
CA LEU A 61 21.48 -14.32 1.00
C LEU A 61 20.28 -13.41 0.73
N LEU A 62 20.06 -13.05 -0.53
CA LEU A 62 18.86 -12.25 -0.89
C LEU A 62 17.60 -13.07 -0.57
N SER A 63 17.60 -14.35 -0.88
CA SER A 63 16.43 -15.22 -0.61
C SER A 63 16.16 -15.25 0.90
N THR A 64 17.19 -15.39 1.71
CA THR A 64 17.02 -15.47 3.18
C THR A 64 16.48 -14.15 3.73
N VAL A 65 17.06 -13.03 3.30
CA VAL A 65 16.64 -11.71 3.85
C VAL A 65 15.21 -11.42 3.40
N LEU A 66 14.88 -11.72 2.15
CA LEU A 66 13.49 -11.52 1.65
C LEU A 66 12.53 -12.43 2.41
N THR A 67 12.91 -13.67 2.65
CA THR A 67 12.03 -14.61 3.37
C THR A 67 11.75 -14.08 4.78
N THR A 68 12.79 -13.67 5.49
CA THR A 68 12.62 -13.18 6.87
C THR A 68 11.75 -11.92 6.86
N SER A 69 12.08 -10.96 6.01
CA SER A 69 11.34 -9.68 5.96
C SER A 69 9.88 -9.93 5.64
N TYR A 70 9.62 -10.73 4.61
CA TYR A 70 8.24 -11.00 4.17
C TYR A 70 7.48 -11.79 5.24
N SER A 71 8.13 -12.69 5.95
CA SER A 71 7.45 -13.47 7.02
C SER A 71 7.03 -12.52 8.14
N VAL A 72 7.92 -11.64 8.56
CA VAL A 72 7.60 -10.69 9.65
C VAL A 72 6.46 -9.78 9.18
N ILE A 73 6.56 -9.26 7.96
CA ILE A 73 5.51 -8.37 7.42
C ILE A 73 4.19 -9.14 7.35
N PHE A 74 4.24 -10.39 6.93
CA PHE A 74 3.01 -11.21 6.78
C PHE A 74 2.32 -11.36 8.14
N ILE A 75 3.07 -11.76 9.15
CA ILE A 75 2.45 -12.02 10.49
C ILE A 75 1.94 -10.70 11.08
N VAL A 76 2.72 -9.64 10.99
CA VAL A 76 2.31 -8.35 11.59
C VAL A 76 1.08 -7.82 10.85
N GLY A 77 1.08 -7.88 9.52
CA GLY A 77 -0.08 -7.41 8.74
C GLY A 77 -1.30 -8.25 9.00
N LEU A 78 -1.14 -9.56 9.13
CA LEU A 78 -2.29 -10.45 9.41
C LEU A 78 -2.92 -10.05 10.74
N VAL A 79 -2.12 -9.95 11.79
CA VAL A 79 -2.68 -9.65 13.13
C VAL A 79 -3.28 -8.23 13.12
N GLY A 80 -2.57 -7.27 12.51
CA GLY A 80 -3.05 -5.88 12.49
C GLY A 80 -4.35 -5.74 11.73
N ASN A 81 -4.45 -6.38 10.57
CA ASN A 81 -5.67 -6.28 9.74
C ASN A 81 -6.81 -7.06 10.38
N ILE A 82 -6.52 -8.16 11.06
CA ILE A 82 -7.59 -8.88 11.81
C ILE A 82 -8.13 -7.96 12.91
N ILE A 83 -7.27 -7.30 13.65
CA ILE A 83 -7.71 -6.38 14.73
C ILE A 83 -8.48 -5.22 14.10
N ALA A 84 -8.00 -4.70 12.97
CA ALA A 84 -8.67 -3.56 12.30
C ALA A 84 -10.06 -3.97 11.82
N LEU A 85 -10.19 -5.16 11.25
CA LEU A 85 -11.51 -5.65 10.79
C LEU A 85 -12.42 -5.82 12.00
N TYR A 86 -11.90 -6.37 13.09
CA TYR A 86 -12.73 -6.59 14.30
C TYR A 86 -13.22 -5.26 14.84
N VAL A 87 -12.36 -4.26 14.92
CA VAL A 87 -12.76 -2.96 15.53
C VAL A 87 -13.69 -2.21 14.58
N PHE A 88 -13.48 -2.32 13.28
CA PHE A 88 -14.34 -1.60 12.30
C PHE A 88 -15.69 -2.30 12.16
N LEU A 89 -15.78 -3.58 12.53
CA LEU A 89 -17.06 -4.33 12.44
C LEU A 89 -17.66 -4.61 13.81
N GLY A 90 -16.88 -5.17 14.73
CA GLY A 90 -17.40 -5.62 16.03
C GLY A 90 -17.94 -4.46 16.86
N ILE A 91 -17.20 -3.37 16.95
CA ILE A 91 -17.52 -2.29 17.92
C ILE A 91 -17.92 -0.99 17.21
N HIS A 92 -17.77 -0.90 15.88
CA HIS A 92 -18.14 0.33 15.14
C HIS A 92 -19.48 0.10 14.46
N ARG A 93 -20.56 0.53 15.10
CA ARG A 93 -21.91 0.35 14.53
C ARG A 93 -22.10 1.25 13.31
N LYS A 94 -21.74 2.52 13.44
CA LYS A 94 -21.94 3.52 12.37
C LYS A 94 -20.60 3.93 11.79
N ARG A 95 -20.60 4.22 10.49
CA ARG A 95 -19.35 4.53 9.76
C ARG A 95 -19.48 5.91 9.11
N ASN A 96 -18.37 6.60 9.03
CA ASN A 96 -18.28 7.82 8.20
C ASN A 96 -17.47 7.50 6.96
N SER A 97 -17.19 8.50 6.15
CA SER A 97 -16.47 8.27 4.89
C SER A 97 -15.07 7.71 5.20
N ILE A 98 -14.39 8.29 6.16
CA ILE A 98 -12.99 7.92 6.48
C ILE A 98 -12.98 6.48 6.99
N GLN A 99 -13.96 6.09 7.81
CA GLN A 99 -13.96 4.74 8.39
C GLN A 99 -14.22 3.69 7.29
N ILE A 100 -15.11 3.97 6.36
CA ILE A 100 -15.36 3.04 5.23
C ILE A 100 -14.07 2.93 4.41
N TYR A 101 -13.45 4.08 4.14
CA TYR A 101 -12.16 4.08 3.40
C TYR A 101 -11.13 3.17 4.11
N LEU A 102 -11.00 3.33 5.40
CA LEU A 102 -9.99 2.58 6.17
C LEU A 102 -10.37 1.10 6.22
N LEU A 103 -11.65 0.77 6.30
CA LEU A 103 -12.07 -0.66 6.25
C LEU A 103 -11.65 -1.29 4.91
N ASN A 104 -11.86 -0.56 3.82
CA ASN A 104 -11.46 -1.08 2.49
C ASN A 104 -9.94 -1.19 2.39
N VAL A 105 -9.22 -0.25 2.98
CA VAL A 105 -7.74 -0.35 3.04
C VAL A 105 -7.35 -1.59 3.81
N ALA A 106 -8.05 -1.87 4.90
CA ALA A 106 -7.78 -3.08 5.72
C ALA A 106 -8.04 -4.34 4.90
N ILE A 107 -9.09 -4.35 4.12
CA ILE A 107 -9.42 -5.54 3.27
C ILE A 107 -8.31 -5.72 2.23
N ALA A 108 -7.88 -4.65 1.57
CA ALA A 108 -6.81 -4.75 0.58
C ALA A 108 -5.52 -5.25 1.23
N ASP A 109 -5.18 -4.71 2.39
CA ASP A 109 -3.96 -5.11 3.10
C ASP A 109 -4.06 -6.57 3.53
N LEU A 110 -5.23 -7.01 3.96
CA LEU A 110 -5.42 -8.44 4.34
C LEU A 110 -5.24 -9.32 3.10
N LEU A 111 -5.73 -8.90 1.95
CA LEU A 111 -5.51 -9.69 0.70
C LEU A 111 -4.02 -9.73 0.35
N LEU A 112 -3.30 -8.62 0.49
CA LEU A 112 -1.83 -8.61 0.23
C LEU A 112 -1.12 -9.54 1.25
N ILE A 113 -1.54 -9.50 2.49
CA ILE A 113 -0.98 -10.41 3.53
C ILE A 113 -1.26 -11.87 3.18
N PHE A 114 -2.45 -12.20 2.71
CA PHE A 114 -2.76 -13.57 2.26
C PHE A 114 -1.96 -13.94 1.01
N CYS A 115 -1.59 -12.96 0.20
CA CYS A 115 -0.73 -13.21 -0.96
C CYS A 115 0.69 -13.56 -0.51
N LEU A 116 1.16 -12.93 0.56
CA LEU A 116 2.58 -13.05 0.97
C LEU A 116 3.04 -14.50 1.20
N PRO A 117 2.27 -15.40 1.87
CA PRO A 117 2.81 -16.73 2.14
C PRO A 117 3.30 -17.51 0.90
N PHE A 118 2.66 -17.32 -0.24
CA PHE A 118 3.18 -17.90 -1.50
C PHE A 118 4.56 -17.35 -1.81
N ARG A 119 4.75 -16.05 -1.60
CA ARG A 119 6.07 -15.43 -1.83
C ARG A 119 7.12 -16.00 -0.88
N ILE A 120 6.77 -16.14 0.39
CA ILE A 120 7.77 -16.62 1.38
C ILE A 120 8.11 -18.08 1.08
N MET A 121 7.12 -18.88 0.70
CA MET A 121 7.37 -20.29 0.35
C MET A 121 8.27 -20.35 -0.88
N TYR A 122 7.98 -19.54 -1.89
CA TYR A 122 8.80 -19.50 -3.12
C TYR A 122 10.24 -19.15 -2.77
N HIS A 123 10.43 -18.12 -1.93
CA HIS A 123 11.80 -17.64 -1.61
C HIS A 123 12.53 -18.66 -0.72
N ILE A 124 11.82 -19.38 0.12
CA ILE A 124 12.50 -20.21 1.14
C ILE A 124 12.79 -21.60 0.58
N ASN A 125 11.93 -22.12 -0.29
CA ASN A 125 12.06 -23.54 -0.70
C ASN A 125 13.39 -23.74 -1.44
N GLN A 126 13.50 -23.25 -2.66
CA GLN A 126 14.79 -23.25 -3.39
C GLN A 126 14.90 -22.03 -4.29
N ASN A 127 14.06 -21.02 -4.06
CA ASN A 127 13.88 -19.87 -4.99
C ASN A 127 13.42 -20.37 -6.36
N LYS A 128 12.63 -21.46 -6.40
CA LYS A 128 11.98 -21.93 -7.63
C LYS A 128 10.51 -22.17 -7.35
N TRP A 129 9.68 -22.00 -8.36
CA TRP A 129 8.21 -22.13 -8.22
C TRP A 129 7.82 -23.55 -8.60
N THR A 130 7.42 -24.34 -7.62
CA THR A 130 7.03 -25.76 -7.87
C THR A 130 5.72 -25.80 -8.65
N LEU A 131 4.79 -24.91 -8.33
CA LEU A 131 3.44 -24.97 -8.95
C LEU A 131 3.46 -24.37 -10.35
N GLY A 132 2.28 -24.34 -10.96
CA GLY A 132 2.10 -23.85 -12.34
C GLY A 132 2.30 -22.35 -12.45
N VAL A 133 2.45 -21.89 -13.69
CA VAL A 133 2.59 -20.45 -14.02
C VAL A 133 1.28 -19.72 -13.72
N ILE A 134 0.15 -20.42 -13.71
CA ILE A 134 -1.17 -19.77 -13.52
C ILE A 134 -1.21 -19.13 -12.14
N LEU A 135 -0.86 -19.88 -11.10
CA LEU A 135 -0.88 -19.34 -9.72
C LEU A 135 0.17 -18.26 -9.58
N CYS A 136 1.31 -18.40 -10.25
CA CYS A 136 2.36 -17.36 -10.25
C CYS A 136 1.77 -16.04 -10.75
N LYS A 137 1.10 -16.08 -11.89
CA LYS A 137 0.49 -14.85 -12.46
C LYS A 137 -0.61 -14.33 -11.53
N VAL A 138 -1.43 -15.22 -10.98
CA VAL A 138 -2.52 -14.80 -10.07
C VAL A 138 -1.93 -14.03 -8.90
N VAL A 139 -0.91 -14.59 -8.24
CA VAL A 139 -0.34 -13.95 -7.04
C VAL A 139 0.36 -12.65 -7.43
N GLY A 140 1.13 -12.67 -8.50
CA GLY A 140 1.86 -11.47 -8.89
C GLY A 140 0.95 -10.32 -9.22
N THR A 141 -0.14 -10.58 -9.93
CA THR A 141 -1.09 -9.50 -10.27
C THR A 141 -1.92 -9.09 -9.03
N LEU A 142 -2.31 -10.06 -8.21
CA LEU A 142 -3.20 -9.75 -7.07
C LEU A 142 -2.43 -8.90 -6.04
N PHE A 143 -1.16 -9.20 -5.81
CA PHE A 143 -0.38 -8.43 -4.83
C PHE A 143 -0.31 -6.97 -5.28
N TYR A 144 0.02 -6.74 -6.54
CA TYR A 144 0.17 -5.36 -7.04
C TYR A 144 -1.17 -4.61 -7.09
N MET A 145 -2.25 -5.30 -7.47
CA MET A 145 -3.55 -4.63 -7.50
C MET A 145 -3.98 -4.24 -6.08
N ASN A 146 -3.73 -5.12 -5.13
CA ASN A 146 -4.08 -4.82 -3.74
C ASN A 146 -3.24 -3.63 -3.24
N MET A 147 -1.96 -3.63 -3.57
CA MET A 147 -1.07 -2.52 -3.17
C MET A 147 -1.60 -1.19 -3.71
N TYR A 148 -1.97 -1.17 -4.98
CA TYR A 148 -2.39 0.10 -5.59
C TYR A 148 -3.79 0.51 -5.13
N ILE A 149 -4.65 -0.45 -4.82
CA ILE A 149 -5.96 -0.13 -4.19
C ILE A 149 -5.68 0.57 -2.86
N SER A 150 -4.76 0.00 -2.07
CA SER A 150 -4.39 0.60 -0.76
C SER A 150 -3.87 2.03 -0.96
N ILE A 151 -3.03 2.22 -1.96
CA ILE A 151 -2.47 3.57 -2.19
C ILE A 151 -3.59 4.53 -2.53
N ILE A 152 -4.46 4.14 -3.44
CA ILE A 152 -5.54 5.07 -3.91
C ILE A 152 -6.44 5.42 -2.72
N LEU A 153 -6.82 4.43 -1.95
CA LEU A 153 -7.73 4.69 -0.84
C LEU A 153 -7.03 5.52 0.23
N LEU A 154 -5.73 5.36 0.43
CA LEU A 154 -4.98 6.24 1.37
C LEU A 154 -4.98 7.67 0.87
N GLY A 155 -4.81 7.87 -0.42
CA GLY A 155 -4.93 9.21 -1.02
C GLY A 155 -6.32 9.81 -0.76
N PHE A 156 -7.35 9.02 -0.89
CA PHE A 156 -8.73 9.49 -0.62
C PHE A 156 -8.93 9.79 0.87
N ILE A 157 -8.30 8.99 1.74
CA ILE A 157 -8.35 9.27 3.20
C ILE A 157 -7.63 10.61 3.49
N SER A 158 -6.56 10.89 2.80
CA SER A 158 -5.89 12.16 2.96
C SER A 158 -6.83 13.27 2.54
N LEU A 159 -7.44 13.09 1.38
CA LEU A 159 -8.23 14.19 0.76
C LEU A 159 -9.42 14.53 1.67
N ASP A 160 -10.16 13.53 2.09
CA ASP A 160 -11.37 13.81 2.86
C ASP A 160 -11.02 14.28 4.27
N ARG A 161 -9.91 13.82 4.82
CA ARG A 161 -9.40 14.42 6.08
C ARG A 161 -9.06 15.91 5.90
N TYR A 162 -8.48 16.26 4.78
CA TYR A 162 -8.18 17.67 4.50
C TYR A 162 -9.47 18.47 4.42
N ILE A 163 -10.45 18.00 3.67
CA ILE A 163 -11.72 18.79 3.48
C ILE A 163 -12.48 18.81 4.79
N LYS A 164 -12.39 17.75 5.60
CA LYS A 164 -13.18 17.66 6.84
C LYS A 164 -12.59 18.52 7.96
N ILE A 165 -11.27 18.68 8.01
CA ILE A 165 -10.60 19.35 9.17
C ILE A 165 -10.30 20.80 8.79
N ASN A 166 -9.52 21.01 7.75
CA ASN A 166 -8.87 22.32 7.51
C ASN A 166 -9.95 23.35 7.16
N ARG A 167 -10.78 23.05 6.19
CA ARG A 167 -11.64 24.08 5.57
C ARG A 167 -13.10 23.99 6.04
N SER A 168 -13.56 22.82 6.46
CA SER A 168 -14.95 22.65 6.94
C SER A 168 -15.14 23.54 8.17
N ILE A 169 -16.34 24.12 8.27
CA ILE A 169 -16.66 25.05 9.39
C ILE A 169 -17.47 24.29 10.45
N GLN A 170 -18.56 23.66 10.06
CA GLN A 170 -19.44 22.98 11.04
C GLN A 170 -19.38 21.47 10.82
N GLN A 171 -19.89 21.02 9.68
CA GLN A 171 -20.05 19.59 9.30
C GLN A 171 -20.59 19.57 7.86
N ARG A 172 -20.85 18.38 7.36
CA ARG A 172 -21.69 18.19 6.15
C ARG A 172 -22.83 17.21 6.44
N LYS A 173 -23.30 17.18 7.70
CA LYS A 173 -24.37 16.28 8.22
C LYS A 173 -23.94 14.81 8.14
N ALA A 174 -22.65 14.52 7.94
CA ALA A 174 -22.11 13.14 7.88
C ALA A 174 -22.88 12.30 6.86
N ILE A 175 -23.17 12.90 5.71
CA ILE A 175 -23.84 12.19 4.58
C ILE A 175 -22.83 11.98 3.46
N THR A 176 -21.55 12.21 3.71
CA THR A 176 -20.48 11.98 2.71
C THR A 176 -20.27 10.47 2.51
N THR A 177 -20.84 9.62 3.35
CA THR A 177 -20.64 8.16 3.22
C THR A 177 -21.12 7.65 1.86
N LYS A 178 -22.20 8.18 1.34
CA LYS A 178 -22.77 7.70 0.06
C LYS A 178 -21.71 7.79 -1.04
N GLN A 179 -21.10 8.96 -1.19
CA GLN A 179 -20.04 9.11 -2.21
C GLN A 179 -18.81 8.28 -1.82
N SER A 180 -18.62 8.02 -0.53
CA SER A 180 -17.48 7.20 -0.07
C SER A 180 -17.61 5.77 -0.62
N ILE A 181 -18.74 5.12 -0.39
CA ILE A 181 -19.00 3.79 -1.00
C ILE A 181 -19.05 3.87 -2.53
N TYR A 182 -19.56 4.94 -3.09
CA TYR A 182 -19.54 5.09 -4.56
C TYR A 182 -18.10 5.04 -5.10
N VAL A 183 -17.23 5.84 -4.54
CA VAL A 183 -15.80 5.88 -4.97
C VAL A 183 -15.13 4.53 -4.68
N CYS A 184 -15.43 3.94 -3.54
CA CYS A 184 -14.83 2.64 -3.16
C CYS A 184 -15.25 1.56 -4.14
N CYS A 185 -16.54 1.54 -4.46
CA CYS A 185 -17.09 0.53 -5.42
C CYS A 185 -16.47 0.75 -6.80
N ILE A 186 -16.35 2.01 -7.22
CA ILE A 186 -15.78 2.32 -8.54
C ILE A 186 -14.35 1.82 -8.59
N VAL A 187 -13.56 2.12 -7.55
CA VAL A 187 -12.13 1.75 -7.54
C VAL A 187 -12.00 0.23 -7.51
N TRP A 188 -12.79 -0.45 -6.70
CA TRP A 188 -12.70 -1.93 -6.64
C TRP A 188 -13.10 -2.55 -7.97
N MET A 189 -14.16 -2.05 -8.61
CA MET A 189 -14.61 -2.59 -9.90
C MET A 189 -13.53 -2.33 -10.95
N LEU A 190 -12.95 -1.15 -10.99
CA LEU A 190 -11.91 -0.83 -11.98
C LEU A 190 -10.65 -1.68 -11.75
N ALA A 191 -10.32 -1.98 -10.49
CA ALA A 191 -9.19 -2.86 -10.17
C ALA A 191 -9.49 -4.28 -10.60
N LEU A 192 -10.68 -4.78 -10.31
CA LEU A 192 -11.04 -6.18 -10.64
C LEU A 192 -11.07 -6.35 -12.16
N GLY A 193 -11.60 -5.37 -12.89
CA GLY A 193 -11.63 -5.45 -14.36
C GLY A 193 -10.24 -5.54 -14.95
N GLY A 194 -9.36 -4.68 -14.49
CA GLY A 194 -7.94 -4.69 -14.93
C GLY A 194 -7.28 -6.01 -14.57
N PHE A 195 -7.53 -6.48 -13.36
CA PHE A 195 -7.01 -7.80 -12.91
C PHE A 195 -7.41 -8.88 -13.90
N LEU A 196 -8.71 -8.97 -14.19
CA LEU A 196 -9.24 -10.08 -15.02
C LEU A 196 -8.67 -9.94 -16.43
N THR A 197 -8.72 -8.76 -17.01
CA THR A 197 -8.31 -8.60 -18.43
C THR A 197 -6.82 -8.90 -18.55
N MET A 198 -6.02 -8.36 -17.64
CA MET A 198 -4.54 -8.53 -17.74
C MET A 198 -4.15 -9.99 -17.50
N ILE A 199 -4.78 -10.65 -16.54
CA ILE A 199 -4.43 -12.07 -16.27
C ILE A 199 -4.90 -12.96 -17.42
N ILE A 200 -6.06 -12.68 -18.00
CA ILE A 200 -6.59 -13.52 -19.09
C ILE A 200 -5.77 -13.26 -20.36
N LEU A 201 -5.21 -12.06 -20.50
CA LEU A 201 -4.31 -11.79 -21.65
C LEU A 201 -2.99 -12.52 -21.43
N THR A 202 -2.44 -12.43 -20.22
CA THR A 202 -1.09 -13.00 -19.96
C THR A 202 -1.13 -14.53 -20.04
N LEU A 203 -2.17 -15.16 -19.52
CA LEU A 203 -2.20 -16.64 -19.49
C LEU A 203 -2.23 -17.24 -20.90
N LYS A 204 -2.95 -16.64 -21.83
CA LYS A 204 -3.15 -17.23 -23.18
C LYS A 204 -2.23 -16.59 -24.21
N LYS A 205 -2.22 -15.26 -24.31
CA LYS A 205 -1.43 -14.57 -25.37
C LYS A 205 0.07 -14.84 -25.18
N GLY A 206 0.54 -14.78 -23.94
CA GLY A 206 1.97 -15.00 -23.64
C GLY A 206 2.27 -16.47 -23.50
N GLY A 207 3.27 -16.95 -24.24
CA GLY A 207 3.74 -18.35 -24.18
C GLY A 207 4.85 -18.57 -23.16
N HIS A 208 5.25 -17.56 -22.40
CA HIS A 208 6.36 -17.67 -21.43
C HIS A 208 5.86 -18.40 -20.19
N ASN A 209 5.89 -19.72 -20.25
CA ASN A 209 5.53 -20.58 -19.10
C ASN A 209 6.79 -21.30 -18.63
N SER A 210 7.10 -21.20 -17.35
CA SER A 210 8.34 -21.79 -16.79
C SER A 210 8.08 -22.22 -15.35
N THR A 211 9.11 -22.68 -14.68
CA THR A 211 9.02 -23.14 -13.26
C THR A 211 9.56 -22.06 -12.32
N MET A 212 9.84 -20.87 -12.81
CA MET A 212 10.37 -19.77 -11.98
C MET A 212 9.37 -18.62 -11.95
N CYS A 213 9.23 -17.99 -10.79
CA CYS A 213 8.23 -16.93 -10.54
C CYS A 213 8.89 -15.70 -9.94
N PHE A 214 8.16 -14.60 -9.96
CA PHE A 214 8.55 -13.30 -9.37
C PHE A 214 9.93 -12.84 -9.85
N HIS A 215 10.36 -13.30 -11.00
CA HIS A 215 11.76 -13.07 -11.46
C HIS A 215 11.81 -11.88 -12.41
N TYR A 216 13.02 -11.54 -12.83
CA TYR A 216 13.23 -10.47 -13.82
C TYR A 216 12.85 -10.99 -15.21
N ARG A 217 12.04 -10.23 -15.93
CA ARG A 217 11.61 -10.62 -17.29
C ARG A 217 11.77 -9.43 -18.23
N ASP A 218 11.96 -9.73 -19.50
CA ASP A 218 11.96 -8.69 -20.55
C ASP A 218 10.53 -8.37 -20.96
N LYS A 219 10.31 -7.11 -21.34
CA LYS A 219 8.97 -6.65 -21.76
C LYS A 219 8.89 -6.44 -23.27
N HIS A 220 9.80 -7.03 -24.04
CA HIS A 220 9.69 -6.98 -25.52
C HIS A 220 8.44 -7.72 -25.97
N ASN A 221 8.16 -8.86 -25.36
CA ASN A 221 6.97 -9.67 -25.72
C ASN A 221 5.70 -8.96 -25.23
N ALA A 222 5.77 -8.30 -24.07
CA ALA A 222 4.59 -7.66 -23.44
C ALA A 222 4.93 -6.22 -23.09
N LYS A 223 4.62 -5.29 -23.98
CA LYS A 223 4.88 -3.85 -23.74
C LYS A 223 3.68 -3.17 -23.10
N GLY A 224 2.49 -3.73 -23.24
CA GLY A 224 1.29 -3.16 -22.58
C GLY A 224 1.43 -3.18 -21.07
N GLU A 225 1.98 -4.26 -20.53
CA GLU A 225 2.24 -4.36 -19.08
C GLU A 225 3.21 -3.25 -18.66
N ALA A 226 4.25 -3.02 -19.45
CA ALA A 226 5.28 -2.02 -19.13
C ALA A 226 4.66 -0.62 -19.14
N ILE A 227 3.89 -0.31 -20.16
CA ILE A 227 3.30 1.06 -20.26
C ILE A 227 2.25 1.24 -19.15
N PHE A 228 1.50 0.19 -18.82
CA PHE A 228 0.50 0.30 -17.74
C PHE A 228 1.21 0.50 -16.39
N ASN A 229 2.34 -0.16 -16.19
CA ASN A 229 3.14 0.04 -14.96
C ASN A 229 3.67 1.48 -14.91
N PHE A 230 4.11 1.98 -16.05
CA PHE A 230 4.62 3.37 -16.12
C PHE A 230 3.50 4.35 -15.78
N ILE A 231 2.30 4.12 -16.28
CA ILE A 231 1.13 4.99 -15.95
C ILE A 231 0.79 4.86 -14.46
N LEU A 232 0.87 3.64 -13.92
CA LEU A 232 0.61 3.39 -12.48
C LEU A 232 1.58 4.24 -11.65
N VAL A 233 2.83 4.30 -12.07
CA VAL A 233 3.84 5.04 -11.29
C VAL A 233 3.52 6.53 -11.25
N VAL A 234 3.16 7.09 -12.38
CA VAL A 234 2.89 8.56 -12.43
C VAL A 234 1.60 8.87 -11.68
N MET A 235 0.60 8.01 -11.77
CA MET A 235 -0.65 8.28 -11.01
C MET A 235 -0.36 8.12 -9.51
N PHE A 236 0.51 7.19 -9.13
CA PHE A 236 0.93 7.08 -7.72
C PHE A 236 1.65 8.36 -7.26
N TRP A 237 2.49 8.90 -8.10
CA TRP A 237 3.23 10.14 -7.74
C TRP A 237 2.24 11.31 -7.59
N LEU A 238 1.24 11.38 -8.46
CA LEU A 238 0.21 12.44 -8.30
C LEU A 238 -0.54 12.23 -6.98
N ILE A 239 -0.89 10.99 -6.66
CA ILE A 239 -1.61 10.69 -5.39
C ILE A 239 -0.72 11.08 -4.21
N PHE A 240 0.56 10.80 -4.30
CA PHE A 240 1.51 11.13 -3.20
C PHE A 240 1.65 12.65 -3.03
N LEU A 241 1.67 13.37 -4.13
CA LEU A 241 1.73 14.86 -4.04
C LEU A 241 0.45 15.37 -3.36
N LEU A 242 -0.69 14.81 -3.73
CA LEU A 242 -1.97 15.21 -3.06
C LEU A 242 -1.86 14.89 -1.56
N ILE A 243 -1.34 13.73 -1.22
CA ILE A 243 -1.25 13.29 0.19
C ILE A 243 -0.34 14.24 0.98
N ILE A 244 0.80 14.57 0.42
CA ILE A 244 1.77 15.43 1.15
C ILE A 244 1.18 16.82 1.32
N LEU A 245 0.55 17.36 0.28
CA LEU A 245 -0.08 18.70 0.38
C LEU A 245 -1.14 18.67 1.48
N SER A 246 -2.00 17.65 1.44
CA SER A 246 -3.12 17.53 2.39
C SER A 246 -2.57 17.52 3.81
N TYR A 247 -1.62 16.67 4.07
CA TYR A 247 -1.15 16.46 5.46
C TYR A 247 -0.29 17.64 5.95
N ILE A 248 0.47 18.28 5.07
CA ILE A 248 1.22 19.49 5.49
C ILE A 248 0.22 20.56 5.88
N LYS A 249 -0.81 20.78 5.05
CA LYS A 249 -1.80 21.83 5.35
C LYS A 249 -2.54 21.50 6.65
N ILE A 250 -2.91 20.25 6.85
CA ILE A 250 -3.64 19.87 8.07
C ILE A 250 -2.74 20.14 9.28
N GLY A 251 -1.49 19.74 9.22
CA GLY A 251 -0.58 19.92 10.37
C GLY A 251 -0.37 21.39 10.68
N LYS A 252 -0.18 22.21 9.65
CA LYS A 252 0.03 23.66 9.86
C LYS A 252 -1.24 24.27 10.48
N ASN A 253 -2.42 23.90 9.99
CA ASN A 253 -3.68 24.44 10.54
C ASN A 253 -3.82 24.02 12.00
N LEU A 254 -3.56 22.77 12.31
CA LEU A 254 -3.71 22.33 13.72
C LEU A 254 -2.67 23.06 14.59
N LEU A 255 -1.44 23.25 14.14
CA LEU A 255 -0.42 23.95 14.94
C LEU A 255 -0.87 25.39 15.20
N ARG A 256 -1.36 26.09 14.18
CA ARG A 256 -1.78 27.48 14.40
C ARG A 256 -3.00 27.52 15.33
N ILE A 257 -3.92 26.57 15.18
CA ILE A 257 -5.11 26.50 16.07
C ILE A 257 -4.68 26.27 17.51
N SER A 258 -3.75 25.36 17.72
CA SER A 258 -3.21 25.07 19.09
C SER A 258 -2.43 26.30 19.61
N LYS A 259 -1.76 27.03 18.74
CA LYS A 259 -0.95 28.20 19.15
C LYS A 259 -1.87 29.38 19.52
N ARG A 260 -3.02 29.51 18.90
CA ARG A 260 -3.97 30.60 19.29
C ARG A 260 -4.40 30.40 20.75
N ARG A 261 -4.73 29.17 21.11
CA ARG A 261 -5.19 28.77 22.47
C ARG A 261 -6.39 29.63 22.87
N SER A 262 -7.48 29.53 22.12
CA SER A 262 -8.72 30.30 22.40
C SER A 262 -9.36 29.81 23.71
N LYS A 263 -9.47 28.49 23.87
CA LYS A 263 -9.98 27.87 25.11
C LYS A 263 -8.88 26.97 25.67
N PHE A 264 -8.60 27.12 26.97
CA PHE A 264 -7.56 26.34 27.69
C PHE A 264 -7.79 24.85 27.58
N PRO A 265 -9.01 24.29 27.80
CA PRO A 265 -9.19 22.84 27.68
C PRO A 265 -8.78 22.29 26.33
N ASN A 266 -8.24 21.07 26.36
CA ASN A 266 -7.80 20.29 25.16
C ASN A 266 -7.16 21.23 24.12
N SER A 267 -6.33 22.15 24.56
CA SER A 267 -5.53 23.01 23.66
C SER A 267 -4.23 22.30 23.27
N GLY A 268 -3.86 21.24 23.98
CA GLY A 268 -2.64 20.44 23.74
C GLY A 268 -2.91 19.23 22.88
N LYS A 269 -4.15 18.81 22.70
CA LYS A 269 -4.49 17.68 21.82
C LYS A 269 -4.36 18.10 20.35
N TYR A 270 -4.54 19.35 20.04
CA TYR A 270 -4.36 19.81 18.65
C TYR A 270 -2.90 19.66 18.24
N ALA A 271 -1.97 19.96 19.13
CA ALA A 271 -0.54 19.76 18.83
C ALA A 271 -0.27 18.26 18.61
N THR A 272 -0.88 17.40 19.42
CA THR A 272 -0.72 15.95 19.24
C THR A 272 -1.25 15.53 17.86
N THR A 273 -2.41 16.03 17.45
CA THR A 273 -3.02 15.68 16.17
C THR A 273 -2.17 16.19 15.02
N ALA A 274 -1.62 17.39 15.17
CA ALA A 274 -0.71 17.93 14.15
C ALA A 274 0.51 17.01 14.01
N ARG A 275 1.06 16.58 15.13
CA ARG A 275 2.22 15.68 15.10
C ARG A 275 1.80 14.36 14.40
N ASN A 276 0.64 13.84 14.72
CA ASN A 276 0.17 12.58 14.15
C ASN A 276 0.03 12.68 12.62
N SER A 277 -0.45 13.82 12.15
CA SER A 277 -0.57 14.02 10.69
C SER A 277 0.82 13.92 10.01
N PHE A 278 1.80 14.60 10.58
CA PHE A 278 3.17 14.55 10.05
C PHE A 278 3.71 13.11 10.15
N ILE A 279 3.40 12.40 11.23
CA ILE A 279 3.92 11.04 11.44
C ILE A 279 3.37 10.11 10.36
N VAL A 280 2.08 10.19 10.09
CA VAL A 280 1.47 9.29 9.08
C VAL A 280 2.00 9.65 7.68
N LEU A 281 2.17 10.94 7.42
CA LEU A 281 2.72 11.36 6.11
C LEU A 281 4.15 10.81 5.95
N ILE A 282 4.96 10.91 6.99
CA ILE A 282 6.37 10.43 6.94
C ILE A 282 6.40 8.89 6.76
N ILE A 283 5.50 8.20 7.43
CA ILE A 283 5.48 6.72 7.30
C ILE A 283 5.12 6.34 5.86
N PHE A 284 4.11 7.01 5.30
CA PHE A 284 3.72 6.74 3.90
C PHE A 284 4.90 7.04 2.98
N THR A 285 5.58 8.15 3.21
CA THR A 285 6.73 8.55 2.36
C THR A 285 7.81 7.46 2.42
N ILE A 286 8.25 7.11 3.61
CA ILE A 286 9.39 6.15 3.76
C ILE A 286 8.96 4.79 3.21
N CYS A 287 7.69 4.47 3.27
CA CYS A 287 7.23 3.14 2.78
C CYS A 287 7.18 3.11 1.25
N PHE A 288 6.75 4.17 0.60
CA PHE A 288 6.43 4.08 -0.84
C PHE A 288 7.40 4.86 -1.74
N VAL A 289 7.98 5.97 -1.32
CA VAL A 289 8.67 6.88 -2.27
C VAL A 289 9.86 6.22 -2.96
N PRO A 290 10.83 5.59 -2.24
CA PRO A 290 12.02 5.08 -2.94
C PRO A 290 11.67 3.99 -3.96
N TYR A 291 10.64 3.21 -3.64
CA TYR A 291 10.20 2.14 -4.56
C TYR A 291 9.80 2.72 -5.91
N HIS A 292 8.92 3.69 -5.92
CA HIS A 292 8.44 4.25 -7.19
C HIS A 292 9.50 5.16 -7.79
N ALA A 293 10.46 5.61 -7.00
CA ALA A 293 11.63 6.33 -7.55
C ALA A 293 12.46 5.35 -8.38
N PHE A 294 12.65 4.13 -7.90
CA PHE A 294 13.51 3.16 -8.60
C PHE A 294 12.73 2.43 -9.69
N ARG A 295 11.41 2.43 -9.63
CA ARG A 295 10.63 1.72 -10.67
C ARG A 295 10.85 2.37 -12.03
N PHE A 296 11.14 3.66 -12.08
CA PHE A 296 11.48 4.31 -13.36
C PHE A 296 12.74 3.67 -13.98
N ILE A 297 13.76 3.45 -13.17
CA ILE A 297 15.02 2.83 -13.66
C ILE A 297 14.71 1.38 -14.02
N TYR A 298 13.86 0.73 -13.24
CA TYR A 298 13.43 -0.66 -13.55
C TYR A 298 12.85 -0.74 -14.96
N ILE A 299 11.91 0.14 -15.25
CA ILE A 299 11.23 0.14 -16.58
C ILE A 299 12.25 0.51 -17.66
N SER A 300 13.09 1.52 -17.42
CA SER A 300 14.07 1.99 -18.43
C SER A 300 15.01 0.84 -18.79
N SER A 301 15.48 0.10 -17.79
CA SER A 301 16.41 -1.03 -18.04
C SER A 301 15.67 -2.21 -18.68
N GLN A 302 14.41 -2.41 -18.31
CA GLN A 302 13.66 -3.62 -18.76
C GLN A 302 13.10 -3.44 -20.16
N LEU A 303 12.99 -2.22 -20.67
CA LEU A 303 12.39 -1.98 -22.01
C LEU A 303 13.48 -1.89 -23.08
N ASN A 304 14.73 -2.18 -22.76
CA ASN A 304 15.82 -2.15 -23.75
C ASN A 304 16.83 -3.25 -23.43
N VAL A 305 17.59 -3.62 -24.44
CA VAL A 305 18.61 -4.69 -24.28
C VAL A 305 19.82 -4.10 -23.55
N SER A 306 20.29 -4.81 -22.54
CA SER A 306 21.46 -4.40 -21.73
C SER A 306 22.12 -5.61 -21.11
N SER A 307 23.35 -5.44 -20.66
CA SER A 307 24.11 -6.49 -19.95
C SER A 307 23.37 -6.85 -18.66
N CYS A 308 23.44 -8.12 -18.26
CA CYS A 308 22.74 -8.58 -17.04
C CYS A 308 23.41 -8.01 -15.79
N TYR A 309 24.60 -7.44 -15.93
CA TYR A 309 25.35 -6.86 -14.80
C TYR A 309 24.54 -5.73 -14.15
N TRP A 310 23.87 -4.93 -14.97
CA TRP A 310 22.89 -3.95 -14.46
C TRP A 310 21.69 -4.70 -13.88
N LYS A 311 21.33 -5.81 -14.49
CA LYS A 311 20.04 -6.48 -14.17
C LYS A 311 20.03 -7.04 -12.76
N GLU A 312 21.13 -7.61 -12.28
CA GLU A 312 21.06 -8.23 -10.93
C GLU A 312 20.85 -7.12 -9.89
N ILE A 313 21.57 -6.02 -10.01
CA ILE A 313 21.48 -4.94 -8.98
C ILE A 313 20.11 -4.29 -9.10
N VAL A 314 19.59 -4.15 -10.31
CA VAL A 314 18.24 -3.56 -10.49
C VAL A 314 17.20 -4.47 -9.85
N HIS A 315 17.30 -5.77 -10.07
CA HIS A 315 16.33 -6.73 -9.48
C HIS A 315 16.42 -6.72 -7.95
N LYS A 316 17.64 -6.70 -7.43
CA LYS A 316 17.84 -6.70 -5.95
C LYS A 316 17.25 -5.42 -5.35
N THR A 317 17.51 -4.28 -5.96
CA THR A 317 16.97 -3.01 -5.46
C THR A 317 15.44 -3.04 -5.52
N ASN A 318 14.89 -3.57 -6.61
CA ASN A 318 13.43 -3.67 -6.76
C ASN A 318 12.84 -4.54 -5.63
N GLU A 319 13.48 -5.65 -5.33
CA GLU A 319 12.97 -6.53 -4.26
C GLU A 319 13.06 -5.84 -2.89
N ILE A 320 14.17 -5.16 -2.63
CA ILE A 320 14.33 -4.44 -1.33
C ILE A 320 13.24 -3.36 -1.22
N MET A 321 12.94 -2.68 -2.33
CA MET A 321 11.91 -1.65 -2.29
C MET A 321 10.52 -2.29 -2.14
N LEU A 322 10.30 -3.45 -2.72
CA LEU A 322 9.06 -4.21 -2.47
C LEU A 322 8.90 -4.47 -0.98
N VAL A 323 9.99 -4.80 -0.29
CA VAL A 323 9.89 -5.10 1.15
C VAL A 323 9.36 -3.85 1.89
N LEU A 324 9.94 -2.69 1.62
CA LEU A 324 9.49 -1.45 2.30
C LEU A 324 8.03 -1.16 1.94
N SER A 325 7.66 -1.31 0.67
CA SER A 325 6.29 -1.03 0.20
C SER A 325 5.31 -1.94 0.94
N SER A 326 5.61 -3.22 1.03
CA SER A 326 4.71 -4.19 1.68
C SER A 326 4.68 -3.95 3.19
N PHE A 327 5.72 -3.34 3.74
CA PHE A 327 5.73 -3.06 5.21
C PHE A 327 4.66 -2.04 5.57
N ASN A 328 4.26 -1.19 4.63
CA ASN A 328 3.17 -0.22 4.87
C ASN A 328 1.86 -0.98 5.13
N SER A 329 1.71 -2.14 4.52
CA SER A 329 0.49 -2.96 4.70
C SER A 329 0.33 -3.32 6.19
N CYS A 330 1.41 -3.69 6.84
CA CYS A 330 1.35 -4.05 8.27
C CYS A 330 1.32 -2.78 9.14
N LEU A 331 1.98 -1.72 8.69
CA LEU A 331 2.03 -0.47 9.49
C LEU A 331 0.67 0.24 9.54
N ASP A 332 -0.12 0.17 8.48
CA ASP A 332 -1.31 1.04 8.37
C ASP A 332 -2.32 0.79 9.50
N PRO A 333 -2.70 -0.47 9.82
CA PRO A 333 -3.63 -0.69 10.93
C PRO A 333 -3.09 -0.18 12.28
N VAL A 334 -1.79 -0.20 12.47
CA VAL A 334 -1.20 0.17 13.78
C VAL A 334 -1.35 1.66 13.99
N MET A 335 -1.22 2.46 12.93
CA MET A 335 -1.30 3.95 13.08
C MET A 335 -2.70 4.39 13.52
N TYR A 336 -3.74 3.72 13.03
CA TYR A 336 -5.12 4.06 13.41
C TYR A 336 -5.31 3.81 14.90
N PHE A 337 -4.81 2.68 15.40
CA PHE A 337 -4.97 2.34 16.83
C PHE A 337 -4.15 3.31 17.67
N LEU A 338 -2.95 3.65 17.24
CA LEU A 338 -2.05 4.46 18.08
C LEU A 338 -2.52 5.90 18.10
N MET A 339 -2.94 6.45 16.97
CA MET A 339 -3.25 7.91 16.86
C MET A 339 -4.69 8.21 17.30
N SER A 340 -5.50 7.20 17.56
CA SER A 340 -6.87 7.39 18.10
C SER A 340 -6.77 7.53 19.61
N SER A 341 -7.26 8.64 20.15
CA SER A 341 -7.16 8.94 21.60
C SER A 341 -7.90 7.86 22.40
N ASN A 342 -9.12 7.53 22.00
CA ASN A 342 -9.94 6.53 22.73
C ASN A 342 -9.25 5.16 22.67
N ILE A 343 -8.79 4.77 21.50
CA ILE A 343 -8.14 3.44 21.34
C ILE A 343 -6.82 3.44 22.11
N ARG A 344 -6.08 4.54 22.08
CA ARG A 344 -4.79 4.62 22.82
C ARG A 344 -5.05 4.48 24.32
N LYS A 345 -6.07 5.17 24.83
CA LYS A 345 -6.41 5.08 26.27
C LYS A 345 -6.88 3.67 26.61
N ILE A 346 -7.63 3.05 25.72
CA ILE A 346 -8.12 1.66 25.93
C ILE A 346 -6.90 0.73 26.04
N MET A 347 -5.95 0.89 25.13
CA MET A 347 -4.74 0.05 25.10
C MET A 347 -3.94 0.29 26.39
N CYS A 348 -3.83 1.54 26.82
CA CYS A 348 -3.04 1.90 28.03
C CYS A 348 -3.70 1.27 29.27
N GLN A 349 -5.01 1.36 29.38
CA GLN A 349 -5.71 0.88 30.60
C GLN A 349 -5.78 -0.65 30.61
N LEU A 350 -5.95 -1.26 29.43
CA LEU A 350 -6.05 -2.74 29.36
C LEU A 350 -4.71 -3.40 29.65
N LEU A 351 -3.60 -2.79 29.22
CA LEU A 351 -2.25 -3.36 29.45
C LEU A 351 -1.83 -3.12 30.91
#